data_5XIB
#
_entry.id   5XIB
#
_cell.length_a   154.551
_cell.length_b   154.551
_cell.length_c   36.793
_cell.angle_alpha   90.000
_cell.angle_beta   90.000
_cell.angle_gamma   120.000
#
_symmetry.space_group_name_H-M   'P 61'
#
loop_
_entity.id
_entity.type
_entity.pdbx_description
1 polymer 'Heme acquisition protein HasAp'
2 non-polymer '5,15-Diphenylporphyrin containing FE'
3 water water
#
_entity_poly.entity_id   1
_entity_poly.type   'polypeptide(L)'
_entity_poly.pdbx_seq_one_letter_code
;MSISISYSTTYSGWTVADYLADWSAYFGDVNHRPGQVVDGSNTGGFNPGPFDGSQYALKSTASDAAFIAGGDLHYTLFSN
PSHTLWGKLDSIALGDTLTGGASSGGYALDSQEVSFSNLGLDSPIAQGRDGTVHKVVYGLMSGDSSALQGQIDALLKAVD
PSLSINSTFDQLAAAGVAHATPAA
;
_entity_poly.pdbx_strand_id   A,B
#
# COMPACT_ATOMS: atom_id res chain seq x y z
N MET A 1 20.44 -6.32 0.71
CA MET A 1 19.74 -7.22 1.68
C MET A 1 19.09 -8.41 0.95
N SER A 2 18.38 -9.23 1.70
CA SER A 2 17.92 -10.54 1.26
C SER A 2 16.41 -10.58 1.03
N ILE A 3 15.91 -11.73 0.61
CA ILE A 3 14.46 -11.97 0.50
C ILE A 3 13.72 -11.55 1.78
N SER A 4 12.56 -10.95 1.59
CA SER A 4 11.70 -10.51 2.69
C SER A 4 10.29 -10.97 2.38
N ILE A 5 9.65 -11.52 3.40
CA ILE A 5 8.36 -12.17 3.26
C ILE A 5 7.35 -11.54 4.22
N SER A 6 6.14 -11.33 3.71
CA SER A 6 5.00 -10.86 4.49
C SER A 6 3.99 -11.98 4.44
N TYR A 7 3.44 -12.36 5.58
CA TYR A 7 2.43 -13.42 5.61
C TYR A 7 1.32 -13.12 6.58
N SER A 8 0.11 -13.51 6.21
CA SER A 8 -1.03 -13.45 7.09
C SER A 8 -0.85 -14.49 8.20
N THR A 9 -1.34 -14.12 9.38
CA THR A 9 -1.14 -14.90 10.59
C THR A 9 -1.78 -16.30 10.50
N THR A 10 -2.84 -16.40 9.69
CA THR A 10 -3.44 -17.65 9.27
C THR A 10 -2.44 -18.73 8.80
N TYR A 11 -1.38 -18.31 8.11
CA TYR A 11 -0.41 -19.23 7.54
C TYR A 11 0.85 -19.43 8.39
N SER A 12 0.79 -19.08 9.67
CA SER A 12 1.92 -19.22 10.62
C SER A 12 2.56 -20.58 10.62
N GLY A 13 1.72 -21.59 10.76
CA GLY A 13 2.15 -22.98 10.82
C GLY A 13 2.27 -23.70 9.48
N TRP A 14 1.90 -23.03 8.39
CA TRP A 14 2.10 -23.58 7.03
C TRP A 14 3.53 -23.43 6.57
N THR A 15 3.99 -24.37 5.76
CA THR A 15 5.24 -24.23 5.04
C THR A 15 4.99 -23.42 3.76
N VAL A 16 6.05 -22.88 3.19
CA VAL A 16 5.92 -22.02 2.02
C VAL A 16 5.48 -22.85 0.83
N ALA A 17 6.11 -24.02 0.66
CA ALA A 17 5.77 -24.99 -0.39
C ALA A 17 4.30 -25.39 -0.35
N ASP A 18 3.81 -25.74 0.84
CA ASP A 18 2.40 -26.15 1.00
C ASP A 18 1.44 -25.01 0.64
N TYR A 19 1.78 -23.82 1.11
CA TYR A 19 0.97 -22.65 0.85
C TYR A 19 0.91 -22.33 -0.65
N LEU A 20 2.07 -22.31 -1.30
CA LEU A 20 2.13 -22.03 -2.73
C LEU A 20 1.43 -23.09 -3.56
N ALA A 21 1.56 -24.35 -3.15
CA ALA A 21 0.87 -25.44 -3.82
C ALA A 21 -0.64 -25.25 -3.69
N ASP A 22 -1.11 -24.96 -2.47
CA ASP A 22 -2.53 -24.65 -2.28
C ASP A 22 -2.98 -23.38 -3.00
N TRP A 23 -2.14 -22.34 -3.02
CA TRP A 23 -2.50 -21.10 -3.71
C TRP A 23 -2.62 -21.34 -5.23
N SER A 24 -1.64 -22.02 -5.81
CA SER A 24 -1.68 -22.43 -7.23
C SER A 24 -2.97 -23.13 -7.62
N ALA A 25 -3.37 -24.12 -6.82
CA ALA A 25 -4.58 -24.90 -7.12
C ALA A 25 -5.83 -24.02 -7.02
N TYR A 26 -5.85 -23.12 -6.04
CA TYR A 26 -6.91 -22.15 -5.84
C TYR A 26 -7.04 -21.14 -7.01
N PHE A 27 -5.91 -20.55 -7.42
CA PHE A 27 -5.89 -19.60 -8.55
C PHE A 27 -6.24 -20.34 -9.83
N GLY A 28 -5.58 -21.47 -10.03
CA GLY A 28 -5.85 -22.36 -11.16
C GLY A 28 -5.09 -21.93 -12.42
N ASP A 29 -5.63 -22.36 -13.56
CA ASP A 29 -5.04 -22.10 -14.86
C ASP A 29 -5.97 -21.14 -15.62
N VAL A 30 -5.49 -19.94 -15.94
CA VAL A 30 -6.28 -18.98 -16.76
C VAL A 30 -6.33 -19.34 -18.26
N ASN A 31 -5.59 -20.37 -18.66
CA ASN A 31 -5.61 -20.90 -20.02
C ASN A 31 -5.14 -19.83 -21.00
N HIS A 32 -4.01 -19.22 -20.64
CA HIS A 32 -3.38 -18.15 -21.40
C HIS A 32 -2.30 -18.82 -22.26
N ARG A 33 -2.69 -19.15 -23.48
CA ARG A 33 -1.81 -19.81 -24.44
C ARG A 33 -2.32 -19.60 -25.86
N PRO A 34 -1.50 -19.95 -26.88
CA PRO A 34 -1.96 -19.70 -28.25
C PRO A 34 -3.33 -20.28 -28.55
N GLY A 35 -4.16 -19.48 -29.22
CA GLY A 35 -5.53 -19.85 -29.53
C GLY A 35 -6.55 -19.68 -28.41
N GLN A 36 -6.09 -19.44 -27.18
CA GLN A 36 -6.99 -19.34 -26.02
C GLN A 36 -6.95 -17.94 -25.36
N VAL A 37 -6.24 -17.00 -25.96
CA VAL A 37 -6.24 -15.59 -25.54
C VAL A 37 -6.91 -14.80 -26.67
N VAL A 38 -8.22 -14.66 -26.51
CA VAL A 38 -9.10 -14.12 -27.54
C VAL A 38 -9.68 -12.74 -27.16
N ASP A 39 -9.71 -12.42 -25.87
CA ASP A 39 -10.14 -11.11 -25.37
C ASP A 39 -9.30 -10.73 -24.13
N GLY A 40 -9.72 -9.70 -23.41
CA GLY A 40 -9.01 -9.27 -22.20
C GLY A 40 -9.33 -9.99 -20.91
N SER A 41 -10.12 -11.07 -20.97
CA SER A 41 -10.53 -11.79 -19.76
C SER A 41 -9.43 -12.61 -19.08
N ASN A 42 -8.40 -13.00 -19.79
CA ASN A 42 -7.31 -13.80 -19.20
C ASN A 42 -5.91 -13.30 -19.55
N THR A 43 -5.80 -12.01 -19.88
CA THR A 43 -4.51 -11.39 -20.24
C THR A 43 -3.75 -10.78 -19.05
N GLY A 44 -4.48 -10.24 -18.09
CA GLY A 44 -3.87 -9.43 -17.04
C GLY A 44 -3.62 -8.03 -17.55
N GLY A 45 -2.82 -7.26 -16.83
CA GLY A 45 -2.54 -5.87 -17.19
C GLY A 45 -1.24 -5.35 -16.63
N PHE A 46 -0.67 -4.35 -17.30
CA PHE A 46 0.56 -3.69 -16.85
C PHE A 46 0.24 -2.31 -16.30
N ASN A 47 1.01 -1.90 -15.30
CA ASN A 47 1.04 -0.53 -14.80
C ASN A 47 2.42 0.05 -15.12
N PRO A 48 2.51 1.01 -16.05
CA PRO A 48 1.37 1.69 -16.70
C PRO A 48 0.84 1.01 -17.96
N GLY A 49 1.64 0.12 -18.57
CA GLY A 49 1.24 -0.54 -19.80
C GLY A 49 1.48 0.35 -21.02
N PRO A 50 1.01 -0.03 -22.21
CA PRO A 50 0.24 -1.27 -22.44
C PRO A 50 1.01 -2.61 -22.39
N PHE A 51 2.32 -2.59 -22.67
CA PHE A 51 3.17 -3.81 -22.71
C PHE A 51 4.33 -3.87 -21.70
N ASP A 52 4.53 -2.81 -20.94
CA ASP A 52 5.63 -2.71 -19.99
C ASP A 52 5.13 -2.07 -18.71
N GLY A 53 5.74 -2.41 -17.59
CA GLY A 53 5.36 -1.77 -16.36
C GLY A 53 6.21 -2.13 -15.16
N SER A 54 6.05 -1.33 -14.10
CA SER A 54 6.60 -1.65 -12.80
C SER A 54 5.71 -2.69 -12.08
N GLN A 55 4.51 -2.94 -12.61
CA GLN A 55 3.64 -4.02 -12.14
C GLN A 55 2.99 -4.78 -13.31
N TYR A 56 2.90 -6.10 -13.18
CA TYR A 56 2.00 -6.94 -13.97
C TYR A 56 1.08 -7.67 -12.98
N ALA A 57 -0.23 -7.52 -13.17
CA ALA A 57 -1.23 -8.12 -12.31
C ALA A 57 -2.21 -8.95 -13.14
N LEU A 58 -2.74 -10.00 -12.53
CA LEU A 58 -3.68 -10.91 -13.17
C LEU A 58 -4.66 -11.46 -12.14
N LYS A 59 -5.95 -11.43 -12.46
CA LYS A 59 -6.92 -12.17 -11.63
C LYS A 59 -7.28 -13.52 -12.26
N SER A 60 -7.64 -14.45 -11.38
CA SER A 60 -8.07 -15.78 -11.76
C SER A 60 -9.41 -15.65 -12.45
N THR A 61 -9.60 -16.48 -13.47
CA THR A 61 -10.91 -16.65 -14.09
C THR A 61 -11.67 -17.78 -13.39
N ALA A 62 -10.98 -18.57 -12.57
CA ALA A 62 -11.61 -19.60 -11.73
C ALA A 62 -12.12 -19.06 -10.37
N SER A 63 -11.46 -18.05 -9.80
CA SER A 63 -11.77 -17.55 -8.44
C SER A 63 -11.46 -16.06 -8.27
N ASP A 64 -11.63 -15.56 -7.04
CA ASP A 64 -11.19 -14.21 -6.65
C ASP A 64 -9.67 -14.04 -6.46
N ALA A 65 -8.91 -15.15 -6.55
CA ALA A 65 -7.45 -15.11 -6.49
C ALA A 65 -6.82 -14.16 -7.53
N ALA A 66 -5.78 -13.46 -7.10
CA ALA A 66 -5.00 -12.60 -7.97
C ALA A 66 -3.58 -12.55 -7.51
N PHE A 67 -2.68 -12.19 -8.42
CA PHE A 67 -1.31 -11.87 -8.06
C PHE A 67 -0.87 -10.56 -8.69
N ILE A 68 0.11 -9.93 -8.05
CA ILE A 68 0.79 -8.77 -8.60
C ILE A 68 2.30 -9.06 -8.61
N ALA A 69 2.86 -9.09 -9.82
CA ALA A 69 4.28 -9.11 -10.02
C ALA A 69 4.80 -7.68 -10.10
N GLY A 70 5.79 -7.38 -9.28
CA GLY A 70 6.39 -6.06 -9.22
C GLY A 70 7.84 -6.10 -9.68
N GLY A 71 8.23 -5.12 -10.50
CA GLY A 71 9.62 -4.91 -10.83
C GLY A 71 9.80 -3.93 -11.97
N ASP A 72 10.37 -4.41 -13.07
CA ASP A 72 10.53 -3.63 -14.28
C ASP A 72 10.35 -4.60 -15.45
N LEU A 73 9.08 -4.79 -15.82
CA LEU A 73 8.67 -5.93 -16.65
C LEU A 73 8.29 -5.49 -18.04
N HIS A 74 8.45 -6.41 -18.99
CA HIS A 74 8.25 -6.15 -20.41
C HIS A 74 7.65 -7.37 -21.08
N TYR A 75 6.68 -7.16 -21.95
CA TYR A 75 6.11 -8.21 -22.77
C TYR A 75 6.39 -7.94 -24.24
N THR A 76 6.89 -8.95 -24.95
CA THR A 76 7.30 -8.81 -26.35
C THR A 76 6.11 -8.83 -27.30
N LEU A 77 5.00 -9.40 -26.82
CA LEU A 77 3.78 -9.56 -27.60
C LEU A 77 4.12 -10.34 -28.90
N PHE A 78 4.04 -9.70 -30.07
CA PHE A 78 4.31 -10.37 -31.37
C PHE A 78 5.78 -10.33 -31.81
N SER A 79 6.61 -9.47 -31.21
CA SER A 79 8.03 -9.40 -31.57
C SER A 79 8.79 -10.61 -31.10
N ASN A 80 9.81 -11.02 -31.85
CA ASN A 80 10.62 -12.17 -31.45
C ASN A 80 11.57 -11.81 -30.30
N PRO A 81 11.75 -12.69 -29.31
CA PRO A 81 11.02 -13.97 -29.19
C PRO A 81 9.59 -13.75 -28.68
N SER A 82 8.62 -14.30 -29.42
CA SER A 82 7.20 -14.04 -29.18
C SER A 82 6.73 -14.46 -27.80
N HIS A 83 5.82 -13.65 -27.27
CA HIS A 83 5.15 -13.94 -26.01
C HIS A 83 6.09 -14.24 -24.86
N THR A 84 7.04 -13.31 -24.67
CA THR A 84 8.04 -13.38 -23.61
C THR A 84 7.85 -12.21 -22.66
N LEU A 85 7.48 -12.54 -21.43
CA LEU A 85 7.66 -11.70 -20.24
C LEU A 85 9.09 -11.74 -19.67
N TRP A 86 9.74 -10.57 -19.66
CA TRP A 86 11.13 -10.48 -19.23
C TRP A 86 11.37 -9.18 -18.46
N GLY A 87 12.60 -9.05 -17.95
CA GLY A 87 13.03 -7.87 -17.19
C GLY A 87 13.30 -8.22 -15.75
N LYS A 88 13.15 -7.24 -14.88
CA LYS A 88 13.38 -7.42 -13.45
C LYS A 88 12.10 -7.80 -12.74
N LEU A 89 12.17 -8.84 -11.92
CA LEU A 89 11.11 -9.19 -11.00
C LEU A 89 11.65 -9.07 -9.56
N ASP A 90 11.17 -8.05 -8.82
CA ASP A 90 11.54 -7.82 -7.42
C ASP A 90 10.61 -8.52 -6.44
N SER A 91 9.33 -8.63 -6.81
CA SER A 91 8.33 -9.07 -5.86
C SER A 91 7.11 -9.73 -6.50
N ILE A 92 6.50 -10.65 -5.73
CA ILE A 92 5.25 -11.30 -6.06
C ILE A 92 4.34 -11.19 -4.84
N ALA A 93 3.19 -10.56 -5.02
CA ALA A 93 2.14 -10.50 -4.00
C ALA A 93 1.00 -11.43 -4.41
N LEU A 94 0.55 -12.27 -3.48
CA LEU A 94 -0.49 -13.26 -3.73
C LEU A 94 -1.65 -13.04 -2.78
N GLY A 95 -2.87 -13.00 -3.32
CA GLY A 95 -4.06 -12.88 -2.48
C GLY A 95 -5.38 -12.89 -3.22
N ASP A 96 -6.31 -12.11 -2.70
CA ASP A 96 -7.68 -12.02 -3.20
C ASP A 96 -8.00 -10.60 -3.61
N THR A 97 -8.82 -10.46 -4.64
CA THR A 97 -9.52 -9.21 -4.96
C THR A 97 -8.53 -8.14 -5.42
N LEU A 98 -8.13 -8.24 -6.68
CA LEU A 98 -7.31 -7.24 -7.33
C LEU A 98 -8.08 -5.93 -7.49
N THR A 99 -7.45 -4.82 -7.13
CA THR A 99 -8.04 -3.48 -7.30
C THR A 99 -7.08 -2.60 -8.11
N GLY A 100 -7.64 -1.56 -8.72
CA GLY A 100 -6.86 -0.52 -9.38
C GLY A 100 -6.33 -0.92 -10.73
N GLY A 101 -5.14 -0.41 -11.06
CA GLY A 101 -4.60 -0.46 -12.41
C GLY A 101 -3.93 0.84 -12.81
N ALA A 102 -3.54 0.92 -14.08
CA ALA A 102 -2.77 2.04 -14.59
C ALA A 102 -3.53 3.35 -14.44
N SER A 103 -4.83 3.34 -14.73
CA SER A 103 -5.63 4.56 -14.66
C SER A 103 -5.79 5.15 -13.25
N SER A 104 -5.56 4.35 -12.21
CA SER A 104 -5.58 4.85 -10.83
C SER A 104 -4.24 4.68 -10.09
N GLY A 105 -3.15 4.75 -10.84
CA GLY A 105 -1.81 4.90 -10.27
C GLY A 105 -1.16 3.64 -9.71
N GLY A 106 -1.79 2.49 -9.95
CA GLY A 106 -1.21 1.22 -9.53
C GLY A 106 -2.22 0.17 -9.14
N TYR A 107 -1.77 -1.08 -9.16
CA TYR A 107 -2.54 -2.22 -8.68
C TYR A 107 -2.30 -2.45 -7.21
N ALA A 108 -3.30 -3.06 -6.57
CA ALA A 108 -3.20 -3.50 -5.18
C ALA A 108 -4.15 -4.66 -4.96
N LEU A 109 -3.88 -5.41 -3.91
CA LEU A 109 -4.74 -6.51 -3.49
C LEU A 109 -5.54 -6.06 -2.28
N ASP A 110 -6.84 -6.30 -2.30
CA ASP A 110 -7.70 -5.97 -1.17
C ASP A 110 -7.39 -6.85 0.06
N SER A 111 -7.08 -8.12 -0.21
CA SER A 111 -6.71 -9.06 0.84
C SER A 111 -5.49 -9.85 0.42
N GLN A 112 -4.32 -9.25 0.63
CA GLN A 112 -3.04 -9.94 0.43
C GLN A 112 -2.89 -11.02 1.51
N GLU A 113 -2.62 -12.25 1.07
CA GLU A 113 -2.29 -13.37 1.96
C GLU A 113 -0.78 -13.37 2.25
N VAL A 114 0.01 -13.47 1.19
CA VAL A 114 1.48 -13.58 1.27
C VAL A 114 2.15 -12.74 0.16
N SER A 115 3.28 -12.12 0.47
CA SER A 115 4.12 -11.53 -0.58
C SER A 115 5.59 -11.86 -0.35
N PHE A 116 6.30 -12.02 -1.46
CA PHE A 116 7.75 -12.28 -1.44
C PHE A 116 8.42 -11.10 -2.14
N SER A 117 9.42 -10.48 -1.51
CA SER A 117 10.10 -9.28 -2.05
C SER A 117 11.61 -9.49 -2.09
N ASN A 118 12.31 -8.57 -2.75
CA ASN A 118 13.74 -8.67 -3.00
C ASN A 118 14.10 -10.02 -3.62
N LEU A 119 13.30 -10.45 -4.60
CA LEU A 119 13.55 -11.68 -5.34
C LEU A 119 14.82 -11.59 -6.20
N GLY A 120 15.17 -10.38 -6.63
CA GLY A 120 16.40 -10.12 -7.38
C GLY A 120 16.52 -10.82 -8.73
N LEU A 121 15.39 -11.16 -9.35
CA LEU A 121 15.41 -11.84 -10.64
C LEU A 121 15.49 -10.82 -11.78
N ASP A 122 16.22 -11.20 -12.83
CA ASP A 122 16.51 -10.31 -13.92
C ASP A 122 16.82 -11.14 -15.15
N SER A 123 15.82 -11.31 -16.01
CA SER A 123 15.92 -12.12 -17.22
C SER A 123 15.99 -11.23 -18.45
N PRO A 124 16.97 -11.47 -19.34
CA PRO A 124 17.05 -10.68 -20.57
C PRO A 124 16.07 -11.16 -21.63
N ILE A 125 15.80 -10.29 -22.60
CA ILE A 125 14.87 -10.61 -23.69
C ILE A 125 15.34 -11.81 -24.53
N ALA A 126 16.66 -11.91 -24.73
CA ALA A 126 17.23 -12.93 -25.61
C ALA A 126 17.03 -14.36 -25.12
N GLN A 127 16.73 -14.56 -23.84
CA GLN A 127 16.38 -15.90 -23.34
C GLN A 127 15.00 -16.39 -23.75
N GLY A 128 14.14 -15.48 -24.20
CA GLY A 128 12.78 -15.84 -24.54
C GLY A 128 12.08 -16.45 -23.34
N ARG A 129 11.27 -17.46 -23.62
CA ARG A 129 10.49 -18.15 -22.60
C ARG A 129 11.28 -19.14 -21.75
N ASP A 130 12.58 -19.26 -22.00
CA ASP A 130 13.48 -19.97 -21.07
C ASP A 130 13.89 -19.13 -19.88
N GLY A 131 13.63 -17.82 -19.95
CA GLY A 131 13.92 -16.89 -18.86
C GLY A 131 13.21 -17.26 -17.58
N THR A 132 13.89 -17.01 -16.46
CA THR A 132 13.38 -17.39 -15.16
C THR A 132 12.17 -16.54 -14.77
N VAL A 133 12.25 -15.24 -15.04
CA VAL A 133 11.12 -14.34 -14.82
C VAL A 133 9.90 -14.86 -15.58
N HIS A 134 10.10 -15.24 -16.84
CA HIS A 134 9.01 -15.76 -17.65
C HIS A 134 8.37 -16.99 -17.01
N LYS A 135 9.20 -17.98 -16.68
CA LYS A 135 8.74 -19.23 -16.09
C LYS A 135 8.05 -19.05 -14.74
N VAL A 136 8.61 -18.20 -13.89
CA VAL A 136 8.01 -17.91 -12.58
C VAL A 136 6.60 -17.37 -12.75
N VAL A 137 6.45 -16.32 -13.55
CA VAL A 137 5.16 -15.65 -13.71
C VAL A 137 4.17 -16.54 -14.47
N TYR A 138 4.61 -17.16 -15.56
CA TYR A 138 3.72 -18.01 -16.32
C TYR A 138 3.24 -19.20 -15.49
N GLY A 139 4.12 -19.72 -14.63
CA GLY A 139 3.75 -20.71 -13.64
C GLY A 139 2.53 -20.30 -12.83
N LEU A 140 2.56 -19.08 -12.29
CA LEU A 140 1.44 -18.53 -11.53
C LEU A 140 0.18 -18.30 -12.36
N MET A 141 0.35 -18.01 -13.65
CA MET A 141 -0.77 -17.86 -14.57
C MET A 141 -1.44 -19.21 -14.90
N SER A 142 -0.64 -20.27 -14.94
CA SER A 142 -1.07 -21.57 -15.45
C SER A 142 -1.24 -22.64 -14.36
N GLY A 143 -1.27 -22.23 -13.09
CA GLY A 143 -1.48 -23.16 -11.98
C GLY A 143 -0.32 -24.06 -11.56
N ASP A 144 0.92 -23.67 -11.85
CA ASP A 144 2.11 -24.43 -11.40
C ASP A 144 3.14 -23.48 -10.82
N SER A 145 3.21 -23.41 -9.49
CA SER A 145 4.09 -22.45 -8.82
C SER A 145 5.52 -22.96 -8.58
N SER A 146 5.91 -24.08 -9.19
CA SER A 146 7.18 -24.72 -8.83
C SER A 146 8.41 -23.88 -9.20
N ALA A 147 8.34 -23.15 -10.31
CA ALA A 147 9.40 -22.21 -10.67
C ALA A 147 9.61 -21.15 -9.59
N LEU A 148 8.51 -20.59 -9.06
CA LEU A 148 8.58 -19.62 -7.97
C LEU A 148 9.14 -20.27 -6.72
N GLN A 149 8.62 -21.46 -6.38
CA GLN A 149 9.12 -22.24 -5.26
C GLN A 149 10.66 -22.46 -5.32
N GLY A 150 11.14 -22.85 -6.51
CA GLY A 150 12.57 -23.03 -6.75
C GLY A 150 13.42 -21.81 -6.46
N GLN A 151 12.96 -20.64 -6.94
CA GLN A 151 13.65 -19.37 -6.68
C GLN A 151 13.60 -18.93 -5.21
N ILE A 152 12.44 -19.10 -4.58
CA ILE A 152 12.32 -18.81 -3.15
C ILE A 152 13.26 -19.69 -2.35
N ASP A 153 13.32 -20.99 -2.70
CA ASP A 153 14.20 -21.93 -2.01
C ASP A 153 15.67 -21.52 -2.06
N ALA A 154 16.17 -21.19 -3.27
CA ALA A 154 17.55 -20.70 -3.45
C ALA A 154 17.83 -19.43 -2.65
N LEU A 155 16.91 -18.48 -2.67
CA LEU A 155 17.06 -17.25 -1.88
C LEU A 155 17.08 -17.50 -0.38
N LEU A 156 16.29 -18.48 0.10
CA LEU A 156 16.30 -18.83 1.52
C LEU A 156 17.59 -19.53 1.94
N LYS A 157 18.05 -20.50 1.13
CA LYS A 157 19.31 -21.21 1.37
C LYS A 157 20.47 -20.23 1.51
N ALA A 158 20.53 -19.25 0.62
CA ALA A 158 21.54 -18.19 0.66
C ALA A 158 21.58 -17.41 1.97
N VAL A 159 20.45 -17.27 2.65
CA VAL A 159 20.41 -16.62 3.97
C VAL A 159 20.91 -17.59 5.05
N ASP A 160 20.41 -18.82 5.03
CA ASP A 160 20.89 -19.87 5.93
C ASP A 160 20.52 -21.25 5.37
N PRO A 161 21.45 -22.23 5.44
CA PRO A 161 21.17 -23.54 4.87
C PRO A 161 20.09 -24.36 5.59
N SER A 162 19.73 -23.99 6.83
CA SER A 162 18.60 -24.59 7.53
C SER A 162 17.22 -24.06 7.08
N LEU A 163 17.20 -22.97 6.31
CA LEU A 163 15.95 -22.38 5.79
C LEU A 163 15.63 -22.91 4.39
N SER A 164 14.36 -23.21 4.14
CA SER A 164 13.92 -23.76 2.85
C SER A 164 12.47 -23.38 2.62
N ILE A 165 11.95 -23.73 1.44
CA ILE A 165 10.50 -23.68 1.21
C ILE A 165 9.69 -24.54 2.18
N ASN A 166 10.34 -25.54 2.76
CA ASN A 166 9.72 -26.40 3.76
C ASN A 166 9.76 -25.86 5.18
N SER A 167 10.43 -24.73 5.41
CA SER A 167 10.31 -24.00 6.65
C SER A 167 8.91 -23.39 6.75
N THR A 168 8.40 -23.27 7.98
CA THR A 168 7.15 -22.55 8.20
C THR A 168 7.40 -21.05 8.15
N PHE A 169 6.33 -20.30 7.92
CA PHE A 169 6.41 -18.86 7.91
C PHE A 169 6.90 -18.31 9.24
N ASP A 170 6.46 -18.90 10.34
CA ASP A 170 6.94 -18.56 11.69
C ASP A 170 8.43 -18.81 11.88
N GLN A 171 8.88 -19.98 11.43
CA GLN A 171 10.30 -20.32 11.42
C GLN A 171 11.08 -19.26 10.63
N LEU A 172 10.56 -18.87 9.46
CA LEU A 172 11.21 -17.85 8.65
C LEU A 172 11.20 -16.47 9.34
N ALA A 173 10.13 -16.18 10.07
CA ALA A 173 10.07 -15.00 10.91
C ALA A 173 11.10 -15.04 12.04
N ALA A 174 11.19 -16.19 12.72
CA ALA A 174 12.23 -16.40 13.74
C ALA A 174 13.63 -16.16 13.17
N ALA A 175 13.83 -16.50 11.89
CA ALA A 175 15.13 -16.28 11.23
C ALA A 175 15.37 -14.85 10.75
N GLY A 176 14.37 -13.97 10.89
CA GLY A 176 14.50 -12.55 10.54
C GLY A 176 14.24 -12.23 9.08
N VAL A 177 13.63 -13.17 8.37
CA VAL A 177 13.36 -13.10 6.93
C VAL A 177 11.88 -12.78 6.60
N ALA A 178 10.99 -13.07 7.54
CA ALA A 178 9.55 -12.92 7.33
C ALA A 178 8.93 -12.14 8.46
N HIS A 179 7.74 -11.60 8.24
CA HIS A 179 7.00 -10.94 9.30
C HIS A 179 5.50 -11.10 9.12
N ALA A 180 4.82 -11.41 10.23
CA ALA A 180 3.39 -11.63 10.22
C ALA A 180 2.69 -10.29 10.04
N THR A 181 1.58 -10.31 9.33
CA THR A 181 0.84 -9.10 9.01
C THR A 181 0.23 -8.51 10.29
N PRO A 182 0.57 -7.23 10.62
CA PRO A 182 0.06 -6.55 11.85
C PRO A 182 -1.44 -6.69 12.13
N ALA A 183 -2.26 -6.70 11.07
CA ALA A 183 -3.70 -6.99 11.15
C ALA A 183 -4.06 -8.35 10.51
N ALA A 184 -3.32 -9.39 10.89
CA ALA A 184 -3.49 -10.77 10.38
C ALA A 184 -3.43 -10.87 8.85
N MET B 1 -15.67 19.05 -6.33
CA MET B 1 -15.96 19.76 -5.05
C MET B 1 -14.66 20.15 -4.35
N SER B 2 -14.48 21.45 -4.10
CA SER B 2 -13.22 21.98 -3.54
C SER B 2 -13.12 21.77 -2.03
N ILE B 3 -11.95 22.08 -1.48
CA ILE B 3 -11.60 21.80 -0.08
C ILE B 3 -12.67 22.25 0.93
N SER B 4 -12.93 21.41 1.92
CA SER B 4 -13.91 21.70 2.97
C SER B 4 -13.30 21.38 4.33
N ILE B 5 -13.29 22.39 5.19
CA ILE B 5 -12.70 22.30 6.51
C ILE B 5 -13.84 22.34 7.51
N SER B 6 -13.75 21.49 8.53
CA SER B 6 -14.64 21.55 9.67
C SER B 6 -13.78 21.76 10.91
N TYR B 7 -14.25 22.59 11.83
CA TYR B 7 -13.48 22.94 13.02
C TYR B 7 -14.36 23.16 14.25
N SER B 8 -13.88 22.74 15.41
CA SER B 8 -14.53 23.06 16.67
C SER B 8 -14.41 24.56 16.91
N THR B 9 -15.49 25.19 17.39
CA THR B 9 -15.50 26.62 17.70
C THR B 9 -14.43 27.02 18.73
N THR B 10 -13.96 26.05 19.51
CA THR B 10 -12.75 26.22 20.33
C THR B 10 -11.56 26.83 19.56
N TYR B 11 -11.44 26.51 18.28
CA TYR B 11 -10.35 27.02 17.45
C TYR B 11 -10.75 28.12 16.45
N SER B 12 -11.90 28.76 16.69
CA SER B 12 -12.45 29.83 15.85
C SER B 12 -11.42 30.86 15.40
N GLY B 13 -10.66 31.35 16.39
CA GLY B 13 -9.65 32.39 16.19
C GLY B 13 -8.24 31.92 15.87
N TRP B 14 -8.00 30.62 15.84
CA TRP B 14 -6.69 30.07 15.47
C TRP B 14 -6.49 30.13 13.95
N THR B 15 -5.25 30.38 13.54
CA THR B 15 -4.88 30.13 12.15
C THR B 15 -4.75 28.61 11.93
N VAL B 16 -4.86 28.19 10.68
CA VAL B 16 -4.73 26.77 10.33
C VAL B 16 -3.32 26.31 10.68
N ALA B 17 -2.32 27.11 10.30
CA ALA B 17 -0.90 26.84 10.55
C ALA B 17 -0.61 26.63 12.04
N ASP B 18 -1.10 27.56 12.86
CA ASP B 18 -0.91 27.46 14.30
C ASP B 18 -1.61 26.25 14.90
N TYR B 19 -2.78 25.89 14.40
CA TYR B 19 -3.47 24.70 14.90
C TYR B 19 -2.67 23.44 14.58
N LEU B 20 -2.28 23.29 13.32
CA LEU B 20 -1.51 22.11 12.87
C LEU B 20 -0.15 21.98 13.56
N ALA B 21 0.53 23.12 13.73
CA ALA B 21 1.78 23.19 14.49
C ALA B 21 1.61 22.69 15.92
N ASP B 22 0.58 23.23 16.59
CA ASP B 22 0.21 22.85 17.95
C ASP B 22 -0.20 21.38 18.06
N TRP B 23 -1.03 20.92 17.13
CA TRP B 23 -1.48 19.52 17.12
C TRP B 23 -0.29 18.57 16.92
N SER B 24 0.62 18.93 16.03
CA SER B 24 1.80 18.12 15.75
C SER B 24 2.74 17.97 16.95
N ALA B 25 2.90 19.05 17.71
CA ALA B 25 3.68 19.03 18.96
C ALA B 25 3.03 18.09 19.99
N TYR B 26 1.71 18.16 20.08
CA TYR B 26 0.90 17.36 20.99
C TYR B 26 0.90 15.86 20.60
N PHE B 27 0.80 15.58 19.31
CA PHE B 27 0.88 14.21 18.79
C PHE B 27 2.30 13.66 18.97
N GLY B 28 3.28 14.47 18.62
CA GLY B 28 4.68 14.10 18.75
C GLY B 28 5.15 13.25 17.58
N ASP B 29 6.13 12.40 17.85
CA ASP B 29 6.71 11.49 16.88
C ASP B 29 6.61 10.07 17.45
N VAL B 30 5.89 9.19 16.77
CA VAL B 30 5.76 7.78 17.22
C VAL B 30 7.01 6.92 16.95
N ASN B 31 7.99 7.50 16.25
CA ASN B 31 9.25 6.82 15.89
C ASN B 31 8.99 5.62 14.97
N HIS B 32 8.12 5.83 13.99
CA HIS B 32 7.83 4.84 12.96
C HIS B 32 8.94 4.91 11.92
N ARG B 33 10.02 4.16 12.19
CA ARG B 33 11.24 4.13 11.37
C ARG B 33 11.81 2.72 11.35
N PRO B 34 12.69 2.41 10.38
CA PRO B 34 13.19 1.03 10.33
C PRO B 34 13.95 0.65 11.59
N GLY B 35 13.64 -0.51 12.14
CA GLY B 35 14.18 -0.98 13.41
C GLY B 35 13.43 -0.52 14.65
N GLN B 36 12.48 0.41 14.51
CA GLN B 36 11.76 0.99 15.66
C GLN B 36 10.25 0.75 15.66
N VAL B 37 9.71 0.13 14.60
CA VAL B 37 8.28 -0.14 14.52
C VAL B 37 8.01 -1.41 15.30
N VAL B 38 7.18 -1.34 16.34
CA VAL B 38 6.81 -2.55 17.10
C VAL B 38 5.29 -2.75 17.03
N ASP B 39 4.88 -4.02 16.94
CA ASP B 39 3.50 -4.38 16.64
C ASP B 39 2.58 -4.00 17.80
N GLY B 40 1.42 -3.44 17.47
CA GLY B 40 0.45 -2.98 18.47
C GLY B 40 0.85 -1.74 19.25
N SER B 41 1.84 -1.01 18.75
CA SER B 41 2.38 0.16 19.45
C SER B 41 2.47 1.40 18.58
N ASN B 42 3.16 1.33 17.45
CA ASN B 42 3.34 2.49 16.55
C ASN B 42 3.18 2.18 15.04
N THR B 43 2.45 1.12 14.71
CA THR B 43 2.18 0.78 13.31
C THR B 43 1.01 1.58 12.75
N GLY B 44 -0.01 1.80 13.57
CA GLY B 44 -1.31 2.27 13.11
C GLY B 44 -2.09 1.09 12.54
N GLY B 45 -3.19 1.37 11.86
CA GLY B 45 -3.97 0.34 11.19
C GLY B 45 -4.82 0.84 10.04
N PHE B 46 -5.18 -0.08 9.14
CA PHE B 46 -6.06 0.21 8.01
C PHE B 46 -7.46 -0.34 8.24
N ASN B 47 -8.46 0.34 7.68
CA ASN B 47 -9.83 -0.15 7.60
C ASN B 47 -10.16 -0.19 6.11
N PRO B 48 -10.43 -1.37 5.52
CA PRO B 48 -10.52 -2.67 6.21
C PRO B 48 -9.18 -3.33 6.58
N GLY B 49 -8.11 -2.96 5.89
CA GLY B 49 -6.82 -3.67 6.04
C GLY B 49 -6.84 -4.98 5.27
N PRO B 50 -5.78 -5.79 5.38
CA PRO B 50 -4.61 -5.56 6.24
C PRO B 50 -3.62 -4.46 5.81
N PHE B 51 -3.47 -4.24 4.50
CA PHE B 51 -2.50 -3.25 3.99
C PHE B 51 -3.13 -2.12 3.16
N ASP B 52 -4.45 -2.17 2.97
CA ASP B 52 -5.15 -1.23 2.10
C ASP B 52 -6.42 -0.84 2.82
N GLY B 53 -6.94 0.33 2.50
CA GLY B 53 -8.19 0.73 3.09
C GLY B 53 -8.65 2.12 2.75
N SER B 54 -9.93 2.36 3.03
CA SER B 54 -10.51 3.69 2.95
C SER B 54 -10.05 4.57 4.11
N GLN B 55 -9.45 3.97 5.15
CA GLN B 55 -8.84 4.74 6.24
C GLN B 55 -7.50 4.15 6.70
N TYR B 56 -6.58 5.03 7.07
CA TYR B 56 -5.41 4.71 7.88
C TYR B 56 -5.48 5.60 9.11
N ALA B 57 -5.41 4.99 10.29
CA ALA B 57 -5.45 5.72 11.57
C ALA B 57 -4.26 5.36 12.43
N LEU B 58 -3.85 6.31 13.27
CA LEU B 58 -2.71 6.12 14.18
C LEU B 58 -2.88 6.98 15.44
N LYS B 59 -2.68 6.35 16.60
CA LYS B 59 -2.63 7.04 17.91
C LYS B 59 -1.22 7.52 18.19
N SER B 60 -1.12 8.62 18.94
CA SER B 60 0.13 9.08 19.51
C SER B 60 0.59 8.06 20.56
N THR B 61 1.89 7.83 20.65
CA THR B 61 2.47 7.07 21.76
C THR B 61 2.72 7.99 22.97
N ALA B 62 2.80 9.31 22.75
CA ALA B 62 3.04 10.29 23.81
C ALA B 62 1.75 10.87 24.44
N SER B 63 0.63 10.79 23.75
CA SER B 63 -0.63 11.40 24.21
C SER B 63 -1.86 10.67 23.69
N ASP B 64 -3.04 11.22 23.99
CA ASP B 64 -4.30 10.75 23.42
C ASP B 64 -4.58 11.21 21.98
N ALA B 65 -3.72 12.06 21.42
CA ALA B 65 -3.88 12.57 20.06
C ALA B 65 -3.84 11.44 19.03
N ALA B 66 -4.70 11.58 18.00
CA ALA B 66 -4.79 10.64 16.91
C ALA B 66 -5.27 11.35 15.65
N PHE B 67 -4.95 10.75 14.50
CA PHE B 67 -5.46 11.22 13.21
C PHE B 67 -6.02 10.05 12.41
N ILE B 68 -6.91 10.37 11.49
CA ILE B 68 -7.45 9.41 10.54
C ILE B 68 -7.29 9.98 9.14
N ALA B 69 -6.47 9.31 8.33
CA ALA B 69 -6.35 9.60 6.90
C ALA B 69 -7.46 8.85 6.17
N GLY B 70 -8.16 9.52 5.27
CA GLY B 70 -9.28 8.92 4.52
C GLY B 70 -9.10 8.98 3.01
N GLY B 71 -9.61 7.96 2.31
CA GLY B 71 -9.63 7.95 0.84
C GLY B 71 -9.50 6.54 0.31
N ASP B 72 -8.38 6.26 -0.35
CA ASP B 72 -8.13 4.94 -0.96
C ASP B 72 -6.63 4.66 -0.85
N LEU B 73 -6.23 4.21 0.33
CA LEU B 73 -4.82 4.12 0.71
C LEU B 73 -4.27 2.70 0.62
N HIS B 74 -2.97 2.61 0.31
CA HIS B 74 -2.29 1.35 0.07
C HIS B 74 -0.88 1.46 0.62
N TYR B 75 -0.37 0.37 1.18
CA TYR B 75 1.00 0.32 1.72
C TYR B 75 1.81 -0.83 1.15
N THR B 76 3.05 -0.58 0.74
CA THR B 76 3.88 -1.57 0.03
C THR B 76 4.66 -2.51 0.94
N LEU B 77 4.88 -2.08 2.17
CA LEU B 77 5.72 -2.80 3.15
C LEU B 77 7.13 -3.11 2.59
N PHE B 78 7.47 -4.39 2.37
CA PHE B 78 8.82 -4.78 1.91
C PHE B 78 9.00 -4.71 0.39
N SER B 79 7.90 -4.64 -0.36
CA SER B 79 7.96 -4.62 -1.83
C SER B 79 8.31 -3.23 -2.39
N ASN B 80 9.09 -3.24 -3.47
CA ASN B 80 9.48 -2.02 -4.16
C ASN B 80 8.31 -1.23 -4.74
N PRO B 81 8.21 0.07 -4.45
CA PRO B 81 9.14 0.83 -3.59
C PRO B 81 8.75 0.63 -2.12
N SER B 82 9.72 0.19 -1.31
CA SER B 82 9.40 -0.27 0.04
C SER B 82 8.91 0.85 0.95
N HIS B 83 7.97 0.48 1.83
CA HIS B 83 7.41 1.35 2.85
C HIS B 83 6.85 2.65 2.26
N THR B 84 6.04 2.49 1.21
CA THR B 84 5.37 3.59 0.54
C THR B 84 3.87 3.54 0.83
N LEU B 85 3.37 4.57 1.51
CA LEU B 85 1.93 4.85 1.57
C LEU B 85 1.51 5.66 0.34
N TRP B 86 0.65 5.06 -0.48
CA TRP B 86 0.22 5.64 -1.75
C TRP B 86 -1.28 5.49 -1.97
N GLY B 87 -1.78 6.19 -2.98
CA GLY B 87 -3.19 6.13 -3.40
C GLY B 87 -3.85 7.48 -3.34
N LYS B 88 -5.15 7.49 -3.04
CA LYS B 88 -5.94 8.72 -2.93
C LYS B 88 -6.10 9.14 -1.46
N LEU B 89 -5.68 10.36 -1.14
CA LEU B 89 -5.92 10.95 0.17
C LEU B 89 -6.93 12.07 0.01
N ASP B 90 -8.18 11.79 0.39
CA ASP B 90 -9.26 12.79 0.32
C ASP B 90 -9.52 13.56 1.61
N SER B 91 -9.17 13.00 2.76
CA SER B 91 -9.43 13.67 4.03
C SER B 91 -8.38 13.38 5.10
N ILE B 92 -8.24 14.34 6.00
CA ILE B 92 -7.45 14.21 7.23
C ILE B 92 -8.31 14.74 8.36
N ALA B 93 -8.56 13.91 9.37
CA ALA B 93 -9.28 14.31 10.57
C ALA B 93 -8.31 14.24 11.75
N LEU B 94 -8.29 15.32 12.55
CA LEU B 94 -7.36 15.47 13.67
C LEU B 94 -8.14 15.68 14.94
N GLY B 95 -7.64 15.11 16.03
CA GLY B 95 -8.28 15.28 17.33
C GLY B 95 -7.71 14.38 18.40
N ASP B 96 -8.62 13.78 19.18
CA ASP B 96 -8.28 12.99 20.34
C ASP B 96 -9.07 11.69 20.40
N THR B 97 -8.44 10.69 21.01
CA THR B 97 -9.11 9.46 21.45
C THR B 97 -9.66 8.69 20.25
N LEU B 98 -8.77 7.90 19.64
CA LEU B 98 -9.13 7.06 18.51
C LEU B 98 -10.06 5.91 18.94
N THR B 99 -11.06 5.67 18.12
CA THR B 99 -12.14 4.74 18.41
C THR B 99 -12.30 3.82 17.19
N GLY B 100 -12.73 2.59 17.45
CA GLY B 100 -13.14 1.67 16.40
C GLY B 100 -11.98 1.01 15.67
N GLY B 101 -12.24 0.61 14.43
CA GLY B 101 -11.27 -0.12 13.61
C GLY B 101 -11.98 -0.91 12.53
N ALA B 102 -11.24 -1.80 11.89
CA ALA B 102 -11.77 -2.59 10.78
C ALA B 102 -13.01 -3.41 11.18
N SER B 103 -12.85 -4.24 12.21
CA SER B 103 -13.93 -5.14 12.68
C SER B 103 -15.15 -4.38 13.20
N SER B 104 -14.92 -3.17 13.72
CA SER B 104 -16.00 -2.25 14.08
C SER B 104 -16.69 -1.54 12.89
N GLY B 105 -16.16 -1.68 11.68
CA GLY B 105 -16.69 -0.99 10.48
C GLY B 105 -16.15 0.42 10.27
N GLY B 106 -15.06 0.78 10.94
CA GLY B 106 -14.48 2.12 10.77
C GLY B 106 -13.84 2.70 12.01
N TYR B 107 -12.86 3.57 11.78
CA TYR B 107 -12.27 4.38 12.84
C TYR B 107 -13.07 5.67 13.00
N ALA B 108 -13.06 6.20 14.21
CA ALA B 108 -13.60 7.51 14.52
C ALA B 108 -12.77 8.11 15.65
N LEU B 109 -12.87 9.42 15.80
CA LEU B 109 -12.26 10.11 16.92
C LEU B 109 -13.37 10.47 17.91
N ASP B 110 -13.16 10.21 19.19
CA ASP B 110 -14.13 10.59 20.22
C ASP B 110 -14.24 12.12 20.33
N SER B 111 -13.10 12.79 20.20
CA SER B 111 -13.05 14.25 20.18
C SER B 111 -12.34 14.74 18.91
N GLN B 112 -13.08 14.88 17.82
CA GLN B 112 -12.57 15.43 16.55
C GLN B 112 -12.53 16.96 16.59
N GLU B 113 -11.32 17.52 16.58
CA GLU B 113 -11.12 18.96 16.66
C GLU B 113 -11.26 19.61 15.28
N VAL B 114 -10.52 19.10 14.30
CA VAL B 114 -10.46 19.67 12.95
C VAL B 114 -10.44 18.54 11.90
N SER B 115 -11.08 18.78 10.76
CA SER B 115 -10.94 17.91 9.61
C SER B 115 -10.77 18.71 8.31
N PHE B 116 -10.03 18.12 7.36
CA PHE B 116 -9.88 18.67 6.02
C PHE B 116 -10.35 17.63 5.04
N SER B 117 -11.30 17.99 4.17
CA SER B 117 -11.90 17.07 3.22
C SER B 117 -11.84 17.60 1.81
N ASN B 118 -12.20 16.75 0.85
CA ASN B 118 -12.09 17.03 -0.58
C ASN B 118 -10.69 17.49 -0.98
N LEU B 119 -9.68 16.92 -0.34
CA LEU B 119 -8.29 17.29 -0.59
C LEU B 119 -7.83 16.93 -2.02
N GLY B 120 -8.42 15.89 -2.60
CA GLY B 120 -8.13 15.49 -3.99
C GLY B 120 -6.69 15.10 -4.28
N LEU B 121 -5.96 14.67 -3.26
CA LEU B 121 -4.55 14.27 -3.40
C LEU B 121 -4.46 12.83 -3.89
N ASP B 122 -3.59 12.61 -4.86
CA ASP B 122 -3.48 11.32 -5.55
C ASP B 122 -2.02 11.06 -5.89
N SER B 123 -1.47 9.96 -5.37
CA SER B 123 -0.07 9.61 -5.57
C SER B 123 0.06 8.17 -6.05
N PRO B 124 0.69 7.96 -7.23
CA PRO B 124 0.86 6.59 -7.72
C PRO B 124 1.98 5.83 -6.99
N ILE B 125 1.87 4.51 -7.01
CA ILE B 125 2.86 3.62 -6.36
C ILE B 125 4.28 3.91 -6.85
N ALA B 126 4.42 4.17 -8.16
CA ALA B 126 5.75 4.38 -8.79
C ALA B 126 6.55 5.57 -8.25
N GLN B 127 5.88 6.58 -7.72
CA GLN B 127 6.57 7.71 -7.08
C GLN B 127 7.19 7.36 -5.73
N GLY B 128 6.77 6.25 -5.13
CA GLY B 128 7.39 5.76 -3.92
C GLY B 128 7.21 6.74 -2.78
N ARG B 129 8.27 6.93 -1.99
CA ARG B 129 8.23 7.84 -0.84
C ARG B 129 8.34 9.34 -1.21
N ASP B 130 8.62 9.64 -2.48
CA ASP B 130 8.48 11.00 -3.01
C ASP B 130 7.04 11.43 -3.25
N GLY B 131 6.08 10.49 -3.20
CA GLY B 131 4.66 10.83 -3.38
C GLY B 131 4.14 11.79 -2.30
N THR B 132 3.29 12.72 -2.73
CA THR B 132 2.71 13.75 -1.83
C THR B 132 1.92 13.12 -0.68
N VAL B 133 1.12 12.11 -1.01
CA VAL B 133 0.33 11.36 -0.03
C VAL B 133 1.25 10.79 1.03
N HIS B 134 2.31 10.12 0.60
CA HIS B 134 3.28 9.55 1.55
C HIS B 134 3.85 10.61 2.48
N LYS B 135 4.33 11.71 1.90
CA LYS B 135 4.95 12.80 2.66
C LYS B 135 4.00 13.45 3.66
N VAL B 136 2.77 13.71 3.24
CA VAL B 136 1.75 14.30 4.11
C VAL B 136 1.52 13.41 5.33
N VAL B 137 1.20 12.15 5.08
CA VAL B 137 0.85 11.21 6.15
C VAL B 137 2.06 10.91 7.04
N TYR B 138 3.22 10.63 6.44
CA TYR B 138 4.41 10.34 7.25
C TYR B 138 4.84 11.53 8.10
N GLY B 139 4.67 12.73 7.54
CA GLY B 139 4.85 13.97 8.28
C GLY B 139 4.08 13.98 9.58
N LEU B 140 2.80 13.61 9.53
CA LEU B 140 1.96 13.53 10.73
C LEU B 140 2.41 12.44 11.71
N MET B 141 2.80 11.29 11.16
CA MET B 141 3.28 10.17 11.98
C MET B 141 4.55 10.51 12.75
N SER B 142 5.40 11.34 12.14
CA SER B 142 6.72 11.70 12.67
C SER B 142 6.82 13.12 13.29
N GLY B 143 5.68 13.77 13.51
CA GLY B 143 5.63 15.08 14.20
C GLY B 143 6.00 16.32 13.39
N ASP B 144 5.85 16.25 12.07
CA ASP B 144 6.11 17.38 11.20
C ASP B 144 4.96 17.54 10.23
N SER B 145 4.10 18.52 10.49
CA SER B 145 2.90 18.78 9.68
C SER B 145 3.13 19.66 8.44
N SER B 146 4.38 20.01 8.13
CA SER B 146 4.65 20.99 7.09
C SER B 146 4.19 20.52 5.70
N ALA B 147 4.30 19.23 5.43
CA ALA B 147 3.82 18.68 4.17
C ALA B 147 2.31 18.87 4.05
N LEU B 148 1.58 18.52 5.10
CA LEU B 148 0.13 18.79 5.14
C LEU B 148 -0.17 20.29 4.97
N GLN B 149 0.51 21.13 5.75
CA GLN B 149 0.35 22.60 5.66
C GLN B 149 0.54 23.14 4.24
N GLY B 150 1.60 22.67 3.59
CA GLY B 150 1.91 23.08 2.21
C GLY B 150 0.83 22.68 1.21
N GLN B 151 0.25 21.50 1.40
CA GLN B 151 -0.86 21.04 0.56
C GLN B 151 -2.16 21.80 0.83
N ILE B 152 -2.48 22.05 2.10
CA ILE B 152 -3.67 22.83 2.43
C ILE B 152 -3.54 24.29 1.93
N ASP B 153 -2.36 24.88 2.11
CA ASP B 153 -2.08 26.23 1.64
C ASP B 153 -2.34 26.38 0.14
N ALA B 154 -1.76 25.45 -0.63
CA ALA B 154 -1.94 25.43 -2.09
C ALA B 154 -3.41 25.26 -2.48
N LEU B 155 -4.12 24.38 -1.79
CA LEU B 155 -5.55 24.18 -2.04
C LEU B 155 -6.38 25.44 -1.74
N LEU B 156 -6.03 26.12 -0.65
CA LEU B 156 -6.73 27.34 -0.25
C LEU B 156 -6.47 28.49 -1.24
N LYS B 157 -5.23 28.64 -1.68
CA LYS B 157 -4.85 29.67 -2.65
C LYS B 157 -5.50 29.46 -4.01
N ALA B 158 -5.72 28.19 -4.37
CA ALA B 158 -6.44 27.82 -5.58
C ALA B 158 -7.92 28.23 -5.54
N VAL B 159 -8.52 28.20 -4.35
CA VAL B 159 -9.89 28.68 -4.17
C VAL B 159 -9.95 30.20 -4.37
N ASP B 160 -9.07 30.90 -3.65
CA ASP B 160 -8.89 32.34 -3.80
C ASP B 160 -7.49 32.72 -3.29
N PRO B 161 -6.73 33.54 -4.07
CA PRO B 161 -5.33 33.78 -3.67
C PRO B 161 -5.13 34.51 -2.33
N SER B 162 -6.17 35.12 -1.79
CA SER B 162 -6.09 35.76 -0.46
C SER B 162 -6.23 34.81 0.72
N LEU B 163 -6.71 33.60 0.46
CA LEU B 163 -6.85 32.57 1.50
C LEU B 163 -5.56 31.74 1.66
N SER B 164 -5.24 31.39 2.91
CA SER B 164 -4.00 30.67 3.21
C SER B 164 -4.11 29.92 4.55
N ILE B 165 -3.05 29.19 4.89
CA ILE B 165 -2.93 28.59 6.23
C ILE B 165 -2.79 29.62 7.36
N ASN B 166 -2.45 30.86 7.02
CA ASN B 166 -2.45 31.98 7.99
C ASN B 166 -3.80 32.71 8.12
N SER B 167 -4.84 32.27 7.40
CA SER B 167 -6.21 32.69 7.70
C SER B 167 -6.66 31.96 8.96
N THR B 168 -7.57 32.57 9.72
CA THR B 168 -8.23 31.86 10.80
C THR B 168 -9.30 30.94 10.23
N PHE B 169 -9.78 30.02 11.06
CA PHE B 169 -10.90 29.14 10.68
C PHE B 169 -12.17 29.94 10.40
N ASP B 170 -12.42 30.94 11.24
CA ASP B 170 -13.52 31.88 11.04
C ASP B 170 -13.42 32.62 9.73
N GLN B 171 -12.22 33.08 9.37
CA GLN B 171 -12.00 33.71 8.06
C GLN B 171 -12.31 32.76 6.90
N LEU B 172 -11.91 31.50 7.03
CA LEU B 172 -12.19 30.50 6.01
C LEU B 172 -13.69 30.14 5.98
N ALA B 173 -14.33 30.19 7.15
CA ALA B 173 -15.77 30.00 7.24
C ALA B 173 -16.53 31.16 6.59
N ALA B 174 -16.07 32.39 6.83
CA ALA B 174 -16.59 33.57 6.12
C ALA B 174 -16.49 33.37 4.60
N ALA B 175 -15.34 32.90 4.12
CA ALA B 175 -15.15 32.59 2.69
C ALA B 175 -15.91 31.37 2.11
N GLY B 176 -16.68 30.67 2.94
CA GLY B 176 -17.47 29.51 2.47
C GLY B 176 -16.72 28.19 2.37
N VAL B 177 -15.48 28.14 2.84
CA VAL B 177 -14.64 26.94 2.77
C VAL B 177 -14.68 26.14 4.08
N ALA B 178 -14.89 26.82 5.20
CA ALA B 178 -14.89 26.17 6.52
C ALA B 178 -16.25 26.24 7.20
N HIS B 179 -16.45 25.39 8.19
CA HIS B 179 -17.76 25.14 8.79
C HIS B 179 -17.51 24.78 10.26
N ALA B 180 -18.09 25.55 11.17
CA ALA B 180 -17.89 25.32 12.60
C ALA B 180 -18.76 24.16 13.11
N THR B 181 -18.21 23.40 14.04
CA THR B 181 -18.91 22.32 14.72
C THR B 181 -18.83 22.61 16.22
N PRO B 182 -19.73 22.02 17.03
CA PRO B 182 -19.75 22.34 18.47
C PRO B 182 -18.48 21.92 19.22
N ALA B 183 -18.00 22.80 20.09
CA ALA B 183 -16.98 22.44 21.09
C ALA B 183 -17.58 21.51 22.14
N ALA B 184 -18.82 21.82 22.55
CA ALA B 184 -19.59 21.07 23.56
C ALA B 184 -19.55 19.55 23.39
#